data_5VGP
#
_entry.id   5VGP
#
_cell.length_a   49.912
_cell.length_b   79.959
_cell.length_c   138.352
_cell.angle_alpha   90.00
_cell.angle_beta   90.00
_cell.angle_gamma   90.00
#
_symmetry.space_group_name_H-M   'P 21 21 21'
#
loop_
_entity.id
_entity.type
_entity.pdbx_description
1 polymer 'Human Fc fragment with G1F/G0F glycan'
2 branched beta-D-galactopyranose-(1-4)-2-acetamido-2-deoxy-beta-D-glucopyranose-(1-2)-alpha-D-mannopyranose-(1-6)-[2-acetamido-2-deoxy-beta-D-glucopyranose-(1-2)-alpha-D-mannopyranose-(1-3)]beta-D-mannopyranose-(1-4)-2-acetamido-2-deoxy-beta-D-glucopyranose-(1-4)-[alpha-L-fucopyranose-(1-6)]2-acetamido-2-deoxy-beta-D-glucopyranose
3 branched 2-acetamido-2-deoxy-beta-D-glucopyranose-(1-2)-alpha-D-mannopyranose-(1-3)-[2-acetamido-2-deoxy-beta-D-glucopyranose-(1-2)-alpha-D-mannopyranose-(1-6)]beta-D-mannopyranose-(1-4)-2-acetamido-2-deoxy-beta-D-glucopyranose-(1-4)-[alpha-L-fucopyranose-(1-6)]2-acetamido-2-deoxy-beta-D-glucopyranose
4 water water
#
_entity_poly.entity_id   1
_entity_poly.type   'polypeptide(L)'
_entity_poly.pdbx_seq_one_letter_code
;TCPPCPAPELLGGPSVFLFPPKPKDTLMISRTPEVTCVVVDVSHEDPEVKFNWYVDGVEVHNAKTKPREEQYNSTYRVVS
VLTVLHQDWLNGKEYKCKVSNKALPAPIEKTISKAKGQPREPQVYTLPPSREEMTKNQVSLTCLVKGFYPSDIAVEWESN
GQPENNYKTTPPVLDSDGSFFLYSKLTVDKSRWQQGNVFSCSVMHEALHNHYTQKSLSLSPGK
;
_entity_poly.pdbx_strand_id   A,B
#
loop_
_chem_comp.id
_chem_comp.type
_chem_comp.name
_chem_comp.formula
BMA D-saccharide, beta linking beta-D-mannopyranose 'C6 H12 O6'
FUC L-saccharide, alpha linking alpha-L-fucopyranose 'C6 H12 O5'
GAL D-saccharide, beta linking beta-D-galactopyranose 'C6 H12 O6'
MAN D-saccharide, alpha linking alpha-D-mannopyranose 'C6 H12 O6'
NAG D-saccharide, beta linking 2-acetamido-2-deoxy-beta-D-glucopyranose 'C8 H15 N O6'
#
# COMPACT_ATOMS: atom_id res chain seq x y z
N GLY A 12 -19.94 -7.09 21.13
CA GLY A 12 -19.72 -6.01 20.14
C GLY A 12 -21.00 -5.33 19.66
N GLY A 13 -21.33 -4.20 20.29
CA GLY A 13 -22.38 -3.31 19.80
C GLY A 13 -21.94 -2.55 18.54
N PRO A 14 -22.26 -1.25 18.46
CA PRO A 14 -21.87 -0.54 17.24
C PRO A 14 -20.35 -0.28 17.08
N SER A 15 -19.94 -0.03 15.85
CA SER A 15 -18.57 0.31 15.51
C SER A 15 -18.56 1.65 14.78
N VAL A 16 -17.46 2.37 14.94
CA VAL A 16 -17.28 3.73 14.40
C VAL A 16 -16.04 3.82 13.50
N PHE A 17 -16.18 4.46 12.34
CA PHE A 17 -15.10 4.70 11.41
C PHE A 17 -15.10 6.15 11.07
N LEU A 18 -13.91 6.75 11.16
CA LEU A 18 -13.76 8.17 10.97
C LEU A 18 -12.86 8.42 9.76
N PHE A 19 -13.37 9.16 8.78
CA PHE A 19 -12.72 9.31 7.50
C PHE A 19 -12.22 10.75 7.28
N PRO A 20 -10.99 10.90 6.78
CA PRO A 20 -10.40 12.23 6.55
C PRO A 20 -11.01 12.87 5.28
N PRO A 21 -10.76 14.17 5.08
CA PRO A 21 -10.98 14.78 3.75
C PRO A 21 -10.08 14.19 2.69
N LYS A 22 -10.50 14.27 1.43
CA LYS A 22 -9.63 13.95 0.31
C LYS A 22 -8.51 14.96 0.21
N PRO A 23 -7.30 14.52 -0.14
CA PRO A 23 -6.14 15.40 -0.15
C PRO A 23 -6.35 16.67 -0.99
N LYS A 24 -7.07 16.55 -2.11
CA LYS A 24 -7.38 17.64 -3.02
C LYS A 24 -8.26 18.69 -2.38
N ASP A 25 -9.21 18.23 -1.54
CA ASP A 25 -10.23 19.08 -0.94
C ASP A 25 -9.62 20.08 0.00
N THR A 26 -8.55 19.69 0.68
CA THR A 26 -7.90 20.61 1.65
C THR A 26 -6.93 21.58 1.00
N LEU A 27 -6.51 21.26 -0.23
CA LEU A 27 -5.52 22.09 -0.94
C LEU A 27 -6.11 23.20 -1.83
N MET A 28 -7.38 23.08 -2.17
CA MET A 28 -7.99 24.05 -3.09
C MET A 28 -9.15 24.70 -2.37
N ILE A 29 -9.12 26.03 -2.27
CA ILE A 29 -10.18 26.80 -1.56
C ILE A 29 -11.57 26.62 -2.20
N SER A 30 -11.62 26.37 -3.51
CA SER A 30 -12.90 26.11 -4.21
C SER A 30 -13.59 24.81 -3.75
N ARG A 31 -12.82 23.90 -3.17
CA ARG A 31 -13.40 22.62 -2.73
C ARG A 31 -13.85 22.65 -1.27
N THR A 32 -14.56 21.60 -0.86
CA THR A 32 -15.31 21.51 0.41
C THR A 32 -14.77 20.30 1.21
N PRO A 33 -13.73 20.51 2.07
CA PRO A 33 -13.19 19.35 2.78
C PRO A 33 -14.10 18.98 3.95
N GLU A 34 -14.22 17.71 4.23
CA GLU A 34 -15.15 17.14 5.24
C GLU A 34 -14.50 16.00 6.04
N VAL A 35 -14.88 15.85 7.27
CA VAL A 35 -14.60 14.62 8.02
C VAL A 35 -15.93 13.90 8.24
N THR A 36 -15.92 12.59 8.06
CA THR A 36 -17.13 11.80 8.08
C THR A 36 -17.05 10.73 9.15
N CYS A 37 -17.99 10.79 10.08
CA CYS A 37 -18.03 9.81 11.15
C CYS A 37 -19.17 8.84 10.86
N VAL A 38 -18.85 7.57 10.72
CA VAL A 38 -19.82 6.57 10.28
C VAL A 38 -19.96 5.54 11.41
N VAL A 39 -21.20 5.24 11.79
CA VAL A 39 -21.48 4.27 12.86
C VAL A 39 -22.27 3.14 12.22
N VAL A 40 -21.73 1.93 12.27
CA VAL A 40 -22.44 0.71 11.79
C VAL A 40 -22.75 -0.25 12.94
N ASP A 41 -23.54 -1.30 12.65
CA ASP A 41 -24.02 -2.28 13.65
C ASP A 41 -24.74 -1.66 14.82
N VAL A 42 -25.58 -0.65 14.51
CA VAL A 42 -26.53 -0.10 15.46
C VAL A 42 -27.74 -1.05 15.46
N SER A 43 -28.14 -1.55 16.62
CA SER A 43 -29.22 -2.55 16.71
C SER A 43 -30.62 -1.92 16.72
N HIS A 44 -31.62 -2.75 16.41
CA HIS A 44 -33.02 -2.38 16.53
C HIS A 44 -33.46 -2.05 17.97
N GLU A 45 -32.96 -2.81 18.95
CA GLU A 45 -33.30 -2.58 20.37
C GLU A 45 -32.76 -1.26 20.95
N ASP A 46 -31.62 -0.81 20.45
CA ASP A 46 -31.03 0.47 20.84
C ASP A 46 -30.63 1.28 19.61
N PRO A 47 -31.62 1.92 18.95
CA PRO A 47 -31.33 2.56 17.67
C PRO A 47 -30.93 4.05 17.75
N GLU A 48 -31.06 4.67 18.92
CA GLU A 48 -30.72 6.09 19.07
C GLU A 48 -29.20 6.28 19.03
N VAL A 49 -28.72 7.19 18.20
CA VAL A 49 -27.29 7.55 18.17
C VAL A 49 -27.14 9.07 18.38
N LYS A 50 -26.22 9.47 19.26
CA LYS A 50 -25.88 10.87 19.40
C LYS A 50 -24.40 11.06 19.04
N PHE A 51 -24.14 12.08 18.22
CA PHE A 51 -22.78 12.52 17.89
C PHE A 51 -22.42 13.79 18.66
N ASN A 52 -21.22 13.80 19.25
CA ASN A 52 -20.60 15.04 19.69
C ASN A 52 -19.29 15.20 18.90
N TRP A 53 -19.03 16.43 18.46
CA TRP A 53 -17.84 16.75 17.64
C TRP A 53 -16.97 17.76 18.40
N TYR A 54 -15.66 17.49 18.41
CA TYR A 54 -14.68 18.38 19.01
C TYR A 54 -13.54 18.68 18.04
N VAL A 55 -13.04 19.92 18.12
CA VAL A 55 -11.91 20.41 17.32
C VAL A 55 -10.87 20.88 18.33
N ASP A 56 -9.73 20.19 18.34
CA ASP A 56 -8.73 20.37 19.41
C ASP A 56 -9.35 20.30 20.80
N GLY A 57 -10.30 19.39 20.95
CA GLY A 57 -10.93 19.16 22.23
C GLY A 57 -12.02 20.16 22.59
N VAL A 58 -12.25 21.19 21.78
CA VAL A 58 -13.38 22.10 22.02
C VAL A 58 -14.60 21.73 21.17
N GLU A 59 -15.76 21.64 21.82
CA GLU A 59 -17.01 21.16 21.17
C GLU A 59 -17.50 22.13 20.08
N VAL A 60 -17.90 21.57 18.94
CA VAL A 60 -18.45 22.36 17.82
C VAL A 60 -19.80 21.75 17.45
N HIS A 61 -20.71 22.57 16.90
CA HIS A 61 -22.13 22.24 16.80
C HIS A 61 -22.65 22.28 15.37
N ASN A 62 -21.74 22.47 14.42
CA ASN A 62 -22.15 22.65 13.03
C ASN A 62 -22.14 21.36 12.16
N ALA A 63 -22.00 20.17 12.76
CA ALA A 63 -22.03 18.96 11.90
C ALA A 63 -23.41 18.71 11.32
N LYS A 64 -23.46 17.97 10.21
CA LYS A 64 -24.72 17.58 9.56
C LYS A 64 -24.87 16.06 9.65
N THR A 65 -25.85 15.66 10.43
CA THR A 65 -26.06 14.28 10.80
C THR A 65 -27.28 13.84 10.03
N LYS A 66 -27.17 12.72 9.32
CA LYS A 66 -28.31 12.14 8.56
C LYS A 66 -29.12 11.16 9.41
N PRO A 67 -30.43 10.98 9.08
CA PRO A 67 -31.19 9.91 9.75
C PRO A 67 -30.60 8.51 9.50
N ARG A 68 -30.70 7.65 10.52
CA ARG A 68 -30.29 6.25 10.44
C ARG A 68 -30.84 5.55 9.18
N GLU A 69 -30.06 4.66 8.59
CA GLU A 69 -30.51 3.84 7.45
C GLU A 69 -30.36 2.37 7.74
N GLU A 70 -31.45 1.62 7.61
CA GLU A 70 -31.40 0.16 7.84
C GLU A 70 -30.66 -0.50 6.68
N GLN A 71 -29.68 -1.31 7.03
CA GLN A 71 -28.94 -2.08 6.07
C GLN A 71 -29.67 -3.38 5.83
N TYR A 72 -29.27 -4.10 4.78
CA TYR A 72 -29.86 -5.39 4.46
C TYR A 72 -29.60 -6.46 5.50
N ASN A 73 -28.68 -6.19 6.42
CA ASN A 73 -28.38 -7.16 7.48
C ASN A 73 -29.12 -6.86 8.79
N SER A 74 -30.17 -6.03 8.71
CA SER A 74 -31.00 -5.64 9.84
C SER A 74 -30.29 -4.87 10.98
N THR A 75 -29.23 -4.16 10.65
CA THR A 75 -28.60 -3.19 11.54
C THR A 75 -28.70 -1.78 10.90
N TYR A 76 -28.58 -0.72 11.72
CA TYR A 76 -28.59 0.64 11.17
C TYR A 76 -27.15 1.20 10.92
N ARG A 77 -27.06 2.09 9.95
CA ARG A 77 -25.84 2.83 9.63
C ARG A 77 -26.23 4.30 9.78
N VAL A 78 -25.44 5.05 10.55
CA VAL A 78 -25.73 6.47 10.82
C VAL A 78 -24.44 7.27 10.51
N VAL A 79 -24.59 8.42 9.85
CA VAL A 79 -23.46 9.18 9.30
C VAL A 79 -23.55 10.62 9.80
N SER A 80 -22.43 11.13 10.31
CA SER A 80 -22.33 12.56 10.59
C SER A 80 -21.14 13.15 9.83
N VAL A 81 -21.37 14.32 9.26
CA VAL A 81 -20.40 14.97 8.37
C VAL A 81 -20.09 16.35 8.95
N LEU A 82 -18.80 16.54 9.27
CA LEU A 82 -18.33 17.83 9.73
C LEU A 82 -17.52 18.56 8.61
N THR A 83 -17.96 19.76 8.25
CA THR A 83 -17.20 20.61 7.33
C THR A 83 -15.94 21.12 8.06
N VAL A 84 -14.77 20.99 7.42
CA VAL A 84 -13.54 21.54 8.06
C VAL A 84 -13.04 22.74 7.28
N LEU A 85 -12.46 23.73 7.98
CA LEU A 85 -11.75 24.82 7.30
C LEU A 85 -10.40 24.32 6.76
N HIS A 86 -10.06 24.68 5.52
CA HIS A 86 -8.82 24.24 4.85
C HIS A 86 -7.61 24.53 5.73
N GLN A 87 -7.58 25.72 6.32
CA GLN A 87 -6.40 26.12 7.07
C GLN A 87 -6.35 25.42 8.43
N ASP A 88 -7.50 25.13 9.03
CA ASP A 88 -7.54 24.32 10.25
C ASP A 88 -6.90 22.95 9.99
N TRP A 89 -7.32 22.26 8.93
CA TRP A 89 -6.77 20.92 8.64
C TRP A 89 -5.25 21.04 8.45
N LEU A 90 -4.85 22.06 7.68
CA LEU A 90 -3.45 22.22 7.32
C LEU A 90 -2.61 22.73 8.50
N ASN A 91 -3.24 23.35 9.49
CA ASN A 91 -2.57 23.71 10.76
C ASN A 91 -2.59 22.58 11.80
N GLY A 92 -2.97 21.38 11.36
CA GLY A 92 -2.93 20.19 12.18
C GLY A 92 -3.96 20.06 13.29
N LYS A 93 -5.08 20.75 13.21
CA LYS A 93 -6.14 20.52 14.21
C LYS A 93 -6.66 19.05 14.23
N GLU A 94 -7.05 18.61 15.42
CA GLU A 94 -7.56 17.26 15.65
C GLU A 94 -9.08 17.30 15.70
N TYR A 95 -9.68 16.37 14.95
CA TYR A 95 -11.13 16.24 14.81
C TYR A 95 -11.57 14.98 15.57
N LYS A 96 -12.36 15.19 16.61
CA LYS A 96 -12.92 14.07 17.37
C LYS A 96 -14.42 13.92 17.17
N CYS A 97 -14.82 12.69 16.87
CA CYS A 97 -16.22 12.30 16.80
C CYS A 97 -16.45 11.40 18.02
N LYS A 98 -17.43 11.75 18.86
CA LYS A 98 -17.83 10.93 20.01
C LYS A 98 -19.25 10.44 19.73
N VAL A 99 -19.43 9.12 19.80
CA VAL A 99 -20.68 8.46 19.46
C VAL A 99 -21.24 7.75 20.70
N SER A 100 -22.46 8.13 21.07
CA SER A 100 -23.14 7.57 22.21
C SER A 100 -24.30 6.74 21.72
N ASN A 101 -24.49 5.60 22.38
CA ASN A 101 -25.56 4.66 22.06
C ASN A 101 -25.78 3.79 23.30
N LYS A 102 -27.05 3.52 23.61
CA LYS A 102 -27.41 2.82 24.86
C LYS A 102 -26.94 1.36 24.97
N ALA A 103 -26.54 0.77 23.85
CA ALA A 103 -25.88 -0.55 23.85
C ALA A 103 -24.41 -0.49 24.29
N LEU A 104 -23.88 0.72 24.45
CA LEU A 104 -22.45 0.91 24.69
C LEU A 104 -22.14 1.09 26.16
N PRO A 105 -21.10 0.39 26.68
CA PRO A 105 -20.72 0.60 28.09
C PRO A 105 -20.17 2.03 28.29
N ALA A 106 -19.51 2.57 27.27
CA ALA A 106 -18.99 3.93 27.24
C ALA A 106 -19.09 4.46 25.80
N PRO A 107 -19.28 5.79 25.62
CA PRO A 107 -19.26 6.36 24.28
C PRO A 107 -17.98 5.99 23.52
N ILE A 108 -18.07 5.69 22.23
CA ILE A 108 -16.86 5.49 21.43
C ILE A 108 -16.35 6.84 20.92
N GLU A 109 -15.06 7.10 21.08
CA GLU A 109 -14.44 8.30 20.52
C GLU A 109 -13.41 7.89 19.45
N LYS A 110 -13.36 8.63 18.35
CA LYS A 110 -12.30 8.50 17.34
C LYS A 110 -11.80 9.91 17.03
N THR A 111 -10.51 10.01 16.67
CA THR A 111 -9.85 11.28 16.39
C THR A 111 -9.13 11.16 15.05
N ILE A 112 -9.16 12.23 14.26
CA ILE A 112 -8.36 12.22 13.05
C ILE A 112 -7.69 13.57 12.87
N SER A 113 -6.53 13.57 12.21
CA SER A 113 -5.87 14.79 11.80
C SER A 113 -4.91 14.46 10.70
N LYS A 114 -4.34 15.50 10.09
CA LYS A 114 -3.17 15.39 9.22
C LYS A 114 -2.02 14.82 10.06
N ALA A 115 -1.19 13.93 9.46
CA ALA A 115 -0.01 13.35 10.12
C ALA A 115 0.93 14.46 10.61
N LYS A 116 1.44 14.27 11.84
CA LYS A 116 2.27 15.25 12.50
C LYS A 116 3.68 15.21 11.95
N GLY A 117 4.24 16.36 11.71
CA GLY A 117 5.65 16.45 11.33
C GLY A 117 5.73 17.69 10.51
N GLN A 118 6.94 18.18 10.29
CA GLN A 118 7.16 19.32 9.43
C GLN A 118 6.90 18.95 7.97
N PRO A 119 6.11 19.78 7.24
CA PRO A 119 5.88 19.46 5.83
C PRO A 119 7.15 19.60 5.02
N ARG A 120 7.25 18.81 3.97
CA ARG A 120 8.41 18.81 3.12
C ARG A 120 7.95 18.75 1.68
N GLU A 121 8.56 19.58 0.84
CA GLU A 121 8.17 19.76 -0.56
C GLU A 121 8.51 18.53 -1.44
N PRO A 122 7.54 18.09 -2.28
CA PRO A 122 7.85 17.05 -3.26
C PRO A 122 8.77 17.58 -4.37
N GLN A 123 9.81 16.80 -4.67
CA GLN A 123 10.64 16.96 -5.84
C GLN A 123 10.00 16.08 -6.91
N VAL A 124 9.66 16.68 -8.05
CA VAL A 124 8.97 15.96 -9.13
C VAL A 124 9.91 15.82 -10.32
N TYR A 125 10.14 14.56 -10.73
CA TYR A 125 10.98 14.25 -11.88
C TYR A 125 10.22 13.39 -12.90
N THR A 126 10.33 13.74 -14.16
CA THR A 126 9.73 12.95 -15.23
C THR A 126 10.82 12.17 -15.95
N LEU A 127 10.53 10.89 -16.24
CA LEU A 127 11.47 9.97 -16.85
C LEU A 127 10.86 9.42 -18.14
N PRO A 128 11.60 9.50 -19.27
CA PRO A 128 11.07 8.93 -20.50
C PRO A 128 11.08 7.39 -20.47
N PRO A 129 10.38 6.74 -21.42
CA PRO A 129 10.44 5.29 -21.64
C PRO A 129 11.88 4.77 -21.81
N SER A 130 12.14 3.57 -21.29
CA SER A 130 13.36 2.82 -21.63
C SER A 130 13.38 2.58 -23.13
N ARG A 131 14.56 2.61 -23.74
CA ARG A 131 14.69 2.25 -25.17
C ARG A 131 14.27 0.80 -25.44
N GLU A 132 14.39 -0.06 -24.44
CA GLU A 132 14.00 -1.46 -24.60
C GLU A 132 12.48 -1.68 -24.59
N GLU A 133 11.74 -0.72 -24.03
CA GLU A 133 10.28 -0.72 -24.13
C GLU A 133 9.82 -0.22 -25.48
N MET A 134 10.73 0.45 -26.20
CA MET A 134 10.42 1.07 -27.49
C MET A 134 10.10 0.09 -28.62
N THR A 135 10.27 -1.22 -28.39
CA THR A 135 9.84 -2.25 -29.34
C THR A 135 8.31 -2.43 -29.26
N LYS A 136 7.77 -2.32 -28.04
CA LYS A 136 6.36 -2.54 -27.73
C LYS A 136 5.40 -1.52 -28.40
N ASN A 137 4.11 -1.82 -28.29
CA ASN A 137 3.07 -1.06 -28.96
C ASN A 137 2.66 0.15 -28.13
N GLN A 138 2.73 -0.03 -26.82
CA GLN A 138 2.41 0.96 -25.83
C GLN A 138 3.62 1.12 -24.92
N VAL A 139 3.80 2.35 -24.45
CA VAL A 139 5.03 2.75 -23.78
C VAL A 139 4.71 3.48 -22.47
N SER A 140 5.64 3.42 -21.52
CA SER A 140 5.43 3.92 -20.17
C SER A 140 6.16 5.24 -19.93
N LEU A 141 5.37 6.26 -19.60
CA LEU A 141 5.86 7.56 -19.17
C LEU A 141 5.81 7.61 -17.64
N THR A 142 6.94 7.94 -17.01
CA THR A 142 7.03 7.87 -15.53
C THR A 142 7.19 9.27 -14.87
N CYS A 143 6.42 9.47 -13.80
CA CYS A 143 6.60 10.65 -12.94
C CYS A 143 7.05 10.19 -11.55
N LEU A 144 8.23 10.63 -11.11
CA LEU A 144 8.73 10.25 -9.77
C LEU A 144 8.53 11.45 -8.90
N VAL A 145 7.89 11.24 -7.77
CA VAL A 145 7.57 12.29 -6.82
C VAL A 145 8.16 11.86 -5.49
N LYS A 146 9.21 12.53 -5.02
CA LYS A 146 9.91 12.08 -3.82
C LYS A 146 10.16 13.17 -2.78
N GLY A 147 10.53 12.75 -1.58
CA GLY A 147 10.88 13.67 -0.50
C GLY A 147 9.73 14.52 0.04
N PHE A 148 8.50 14.00 0.00
CA PHE A 148 7.36 14.76 0.54
C PHE A 148 6.90 14.26 1.89
N TYR A 149 6.26 15.17 2.64
CA TYR A 149 5.68 14.94 3.96
C TYR A 149 4.63 16.04 4.21
N PRO A 150 3.45 15.72 4.71
CA PRO A 150 2.95 14.32 4.92
C PRO A 150 2.60 13.59 3.59
N SER A 151 2.07 12.38 3.67
CA SER A 151 1.89 11.56 2.47
C SER A 151 0.65 11.89 1.67
N ASP A 152 -0.22 12.74 2.21
CA ASP A 152 -1.40 13.29 1.47
C ASP A 152 -0.94 14.07 0.23
N ILE A 153 -1.36 13.60 -0.94
CA ILE A 153 -0.87 14.10 -2.22
C ILE A 153 -1.87 13.71 -3.31
N ALA A 154 -1.93 14.48 -4.39
CA ALA A 154 -2.65 14.03 -5.58
C ALA A 154 -1.78 14.19 -6.81
N VAL A 155 -1.93 13.25 -7.74
CA VAL A 155 -1.12 13.20 -8.98
C VAL A 155 -2.08 12.95 -10.15
N GLU A 156 -1.91 13.70 -11.24
CA GLU A 156 -2.68 13.55 -12.49
C GLU A 156 -1.78 13.73 -13.72
N TRP A 157 -2.22 13.19 -14.87
CA TRP A 157 -1.58 13.46 -16.16
C TRP A 157 -2.48 14.16 -17.17
N GLU A 158 -1.86 15.03 -17.98
CA GLU A 158 -2.50 15.70 -19.11
C GLU A 158 -1.58 15.70 -20.33
N SER A 159 -2.19 15.94 -21.50
CA SER A 159 -1.50 16.38 -22.71
C SER A 159 -2.47 17.29 -23.43
N ASN A 160 -1.98 18.45 -23.89
CA ASN A 160 -2.77 19.47 -24.62
C ASN A 160 -4.03 19.95 -23.89
N GLY A 161 -3.89 20.18 -22.59
CA GLY A 161 -4.96 20.75 -21.75
C GLY A 161 -5.96 19.75 -21.24
N GLN A 162 -5.82 18.48 -21.66
CA GLN A 162 -6.84 17.44 -21.46
C GLN A 162 -6.36 16.27 -20.61
N PRO A 163 -7.23 15.73 -19.74
CA PRO A 163 -6.81 14.62 -18.87
C PRO A 163 -6.43 13.35 -19.66
N GLU A 164 -5.30 12.77 -19.31
CA GLU A 164 -4.85 11.51 -19.89
C GLU A 164 -5.35 10.47 -18.95
N ASN A 165 -6.21 9.58 -19.42
CA ASN A 165 -6.90 8.66 -18.48
C ASN A 165 -6.25 7.30 -18.18
N ASN A 166 -5.30 6.89 -19.02
CA ASN A 166 -4.59 5.61 -18.90
C ASN A 166 -3.33 5.63 -17.97
N TYR A 167 -3.53 5.96 -16.70
CA TYR A 167 -2.42 6.03 -15.72
C TYR A 167 -2.79 5.35 -14.43
N LYS A 168 -1.78 4.85 -13.72
CA LYS A 168 -1.97 4.34 -12.37
C LYS A 168 -0.86 4.92 -11.52
N THR A 169 -1.16 5.11 -10.23
CA THR A 169 -0.20 5.71 -9.31
C THR A 169 0.04 4.77 -8.14
N THR A 170 1.30 4.55 -7.75
CA THR A 170 1.58 3.68 -6.58
C THR A 170 1.11 4.42 -5.30
N PRO A 171 0.73 3.70 -4.24
CA PRO A 171 0.59 4.41 -2.97
C PRO A 171 1.90 5.12 -2.58
N PRO A 172 1.84 6.10 -1.66
CA PRO A 172 3.06 6.68 -1.11
C PRO A 172 3.90 5.59 -0.39
N VAL A 173 5.22 5.70 -0.46
CA VAL A 173 6.13 4.75 0.19
C VAL A 173 7.07 5.52 1.09
N LEU A 174 7.18 5.07 2.34
CA LEU A 174 8.07 5.63 3.35
C LEU A 174 9.51 5.39 2.92
N ASP A 175 10.24 6.49 2.76
CA ASP A 175 11.61 6.42 2.34
C ASP A 175 12.48 6.38 3.60
N SER A 176 13.78 6.13 3.44
CA SER A 176 14.69 5.92 4.57
C SER A 176 15.00 7.18 5.37
N ASP A 177 14.79 8.35 4.78
CA ASP A 177 14.96 9.59 5.52
C ASP A 177 13.65 10.08 6.23
N GLY A 178 12.57 9.29 6.18
CA GLY A 178 11.32 9.68 6.85
C GLY A 178 10.28 10.47 6.03
N SER A 179 10.67 10.88 4.82
CA SER A 179 9.75 11.40 3.84
C SER A 179 9.13 10.27 3.01
N PHE A 180 8.21 10.63 2.11
CA PHE A 180 7.58 9.69 1.19
C PHE A 180 7.98 9.85 -0.27
N PHE A 181 7.81 8.77 -1.03
CA PHE A 181 7.83 8.85 -2.51
C PHE A 181 6.73 8.06 -3.16
N LEU A 182 6.46 8.35 -4.42
CA LEU A 182 5.62 7.50 -5.22
C LEU A 182 6.04 7.59 -6.69
N TYR A 183 5.49 6.72 -7.50
CA TYR A 183 5.62 6.88 -8.95
C TYR A 183 4.24 6.83 -9.56
N SER A 184 4.04 7.60 -10.63
CA SER A 184 2.82 7.49 -11.44
C SER A 184 3.27 7.07 -12.82
N LYS A 185 2.54 6.13 -13.42
CA LYS A 185 2.88 5.58 -14.73
C LYS A 185 1.74 5.86 -15.71
N LEU A 186 2.03 6.64 -16.73
CA LEU A 186 1.11 6.88 -17.83
C LEU A 186 1.49 5.99 -19.00
N THR A 187 0.50 5.28 -19.53
CA THR A 187 0.68 4.42 -20.68
C THR A 187 0.06 5.06 -21.91
N VAL A 188 0.90 5.23 -22.94
CA VAL A 188 0.50 5.82 -24.21
C VAL A 188 0.96 4.97 -25.39
N ASP A 189 0.16 4.99 -26.47
CA ASP A 189 0.56 4.42 -27.75
C ASP A 189 1.91 4.99 -28.14
N LYS A 190 2.81 4.08 -28.51
CA LYS A 190 4.14 4.36 -29.03
C LYS A 190 4.17 5.54 -30.00
N SER A 191 3.23 5.55 -30.94
CA SER A 191 3.14 6.58 -32.00
C SER A 191 2.92 8.01 -31.46
N ARG A 192 2.12 8.14 -30.40
CA ARG A 192 1.89 9.45 -29.78
C ARG A 192 3.19 9.99 -29.20
N TRP A 193 3.96 9.10 -28.58
CA TRP A 193 5.30 9.44 -28.08
C TRP A 193 6.27 9.83 -29.23
N GLN A 194 6.32 9.02 -30.30
CA GLN A 194 7.10 9.33 -31.52
C GLN A 194 6.82 10.72 -32.10
N GLN A 195 5.54 11.08 -32.18
CA GLN A 195 5.06 12.35 -32.77
C GLN A 195 5.42 13.63 -31.99
N GLY A 196 6.16 13.50 -30.90
CA GLY A 196 6.64 14.66 -30.16
C GLY A 196 5.60 15.29 -29.25
N ASN A 197 4.54 14.55 -28.94
CA ASN A 197 3.50 15.01 -28.02
C ASN A 197 4.05 15.28 -26.63
N VAL A 198 3.59 16.38 -26.03
CA VAL A 198 4.06 16.83 -24.74
C VAL A 198 3.08 16.30 -23.69
N PHE A 199 3.61 15.56 -22.73
CA PHE A 199 2.77 15.05 -21.66
C PHE A 199 3.18 15.71 -20.35
N SER A 200 2.23 15.97 -19.48
CA SER A 200 2.58 16.60 -18.20
C SER A 200 1.98 15.92 -16.98
N CYS A 201 2.84 15.77 -15.99
CA CYS A 201 2.53 15.20 -14.68
C CYS A 201 2.29 16.37 -13.69
N SER A 202 1.12 16.43 -13.08
CA SER A 202 0.81 17.52 -12.14
C SER A 202 0.64 16.97 -10.71
N VAL A 203 1.16 17.73 -9.74
CA VAL A 203 1.20 17.28 -8.37
C VAL A 203 0.61 18.35 -7.44
N MET A 204 -0.25 17.94 -6.52
CA MET A 204 -0.78 18.85 -5.51
C MET A 204 -0.40 18.37 -4.14
N HIS A 205 0.16 19.28 -3.35
CA HIS A 205 0.69 18.94 -2.03
C HIS A 205 0.83 20.22 -1.21
N GLU A 206 0.58 20.14 0.09
CA GLU A 206 0.54 21.37 0.91
C GLU A 206 1.86 22.15 0.94
N ALA A 207 2.98 21.45 0.75
CA ALA A 207 4.32 22.06 0.77
C ALA A 207 4.79 22.65 -0.59
N LEU A 208 3.95 22.55 -1.62
CA LEU A 208 4.24 23.21 -2.90
C LEU A 208 3.71 24.64 -2.90
N HIS A 209 4.45 25.56 -3.55
CA HIS A 209 3.98 26.94 -3.75
C HIS A 209 2.66 26.87 -4.55
N ASN A 210 1.62 27.56 -4.06
CA ASN A 210 0.24 27.41 -4.59
C ASN A 210 -0.33 25.98 -4.59
N HIS A 211 0.29 25.09 -3.80
CA HIS A 211 -0.11 23.68 -3.66
C HIS A 211 -0.12 22.94 -4.97
N TYR A 212 0.71 23.38 -5.91
CA TYR A 212 0.70 22.83 -7.27
C TYR A 212 2.07 22.94 -7.91
N THR A 213 2.45 21.88 -8.60
CA THR A 213 3.55 21.98 -9.54
C THR A 213 3.19 21.08 -10.69
N GLN A 214 3.85 21.30 -11.82
CA GLN A 214 3.64 20.53 -13.01
C GLN A 214 4.98 20.42 -13.71
N LYS A 215 5.19 19.27 -14.34
CA LYS A 215 6.43 18.88 -14.97
C LYS A 215 6.03 18.20 -16.25
N SER A 216 6.65 18.58 -17.34
CA SER A 216 6.28 18.00 -18.61
C SER A 216 7.41 17.13 -19.16
N LEU A 217 7.07 16.31 -20.17
CA LEU A 217 7.97 15.30 -20.70
C LEU A 217 7.68 15.11 -22.19
N SER A 218 8.74 15.13 -22.99
CA SER A 218 8.62 15.07 -24.44
C SER A 218 9.78 14.31 -25.07
N LEU A 219 9.55 13.73 -26.26
CA LEU A 219 10.65 13.17 -27.06
C LEU A 219 11.55 14.31 -27.50
N SER A 220 12.85 14.16 -27.24
CA SER A 220 13.86 15.10 -27.76
C SER A 220 14.88 14.38 -28.64
N GLY B 12 -15.86 -12.52 24.23
CA GLY B 12 -15.17 -12.95 22.96
C GLY B 12 -14.08 -13.96 23.24
N GLY B 13 -13.16 -14.10 22.28
CA GLY B 13 -11.99 -14.98 22.44
C GLY B 13 -10.81 -14.59 21.54
N PRO B 14 -9.92 -15.56 21.23
CA PRO B 14 -8.88 -15.35 20.21
C PRO B 14 -9.40 -15.26 18.78
N SER B 15 -8.63 -14.61 17.89
CA SER B 15 -8.88 -14.64 16.44
C SER B 15 -7.62 -15.03 15.63
N VAL B 16 -7.84 -15.47 14.39
CA VAL B 16 -6.81 -16.17 13.61
C VAL B 16 -6.49 -15.46 12.29
N PHE B 17 -5.20 -15.35 11.96
CA PHE B 17 -4.77 -14.84 10.66
C PHE B 17 -3.72 -15.75 10.06
N LEU B 18 -3.96 -16.10 8.80
CA LEU B 18 -3.13 -17.07 8.07
C LEU B 18 -2.35 -16.37 6.94
N PHE B 19 -1.03 -16.59 6.90
CA PHE B 19 -0.12 -15.82 6.01
C PHE B 19 0.66 -16.67 5.00
N PRO B 20 0.81 -16.17 3.73
CA PRO B 20 1.48 -16.95 2.69
C PRO B 20 3.00 -16.95 2.87
N PRO B 21 3.73 -17.78 2.10
CA PRO B 21 5.19 -17.67 2.13
C PRO B 21 5.66 -16.34 1.55
N LYS B 22 6.90 -15.93 1.84
CA LYS B 22 7.53 -14.78 1.14
C LYS B 22 7.75 -15.20 -0.30
N PRO B 23 7.49 -14.29 -1.27
CA PRO B 23 7.73 -14.62 -2.69
C PRO B 23 9.07 -15.28 -2.99
N LYS B 24 10.14 -14.75 -2.41
CA LYS B 24 11.51 -15.21 -2.66
C LYS B 24 11.68 -16.68 -2.27
N ASP B 25 11.07 -17.04 -1.14
CA ASP B 25 11.22 -18.33 -0.50
C ASP B 25 10.69 -19.44 -1.40
N THR B 26 9.56 -19.19 -2.07
CA THR B 26 8.94 -20.18 -2.94
C THR B 26 9.67 -20.35 -4.26
N LEU B 27 10.48 -19.36 -4.65
CA LEU B 27 11.09 -19.35 -5.98
C LEU B 27 12.53 -19.93 -6.00
N MET B 28 13.10 -20.10 -4.81
CA MET B 28 14.48 -20.57 -4.66
C MET B 28 14.50 -21.83 -3.83
N ILE B 29 15.04 -22.88 -4.45
CA ILE B 29 15.06 -24.21 -3.86
C ILE B 29 15.92 -24.27 -2.55
N SER B 30 16.97 -23.44 -2.48
CA SER B 30 17.78 -23.30 -1.25
C SER B 30 17.01 -22.69 -0.06
N ARG B 31 15.94 -21.96 -0.35
CA ARG B 31 15.12 -21.30 0.69
C ARG B 31 13.97 -22.17 1.19
N THR B 32 13.42 -21.82 2.34
CA THR B 32 12.42 -22.64 2.99
C THR B 32 11.12 -21.84 3.12
N PRO B 33 10.17 -22.06 2.18
CA PRO B 33 8.90 -21.35 2.29
C PRO B 33 7.99 -21.94 3.40
N GLU B 34 7.27 -21.06 4.11
CA GLU B 34 6.45 -21.40 5.27
C GLU B 34 5.07 -20.71 5.20
N VAL B 35 4.00 -21.45 5.54
CA VAL B 35 2.72 -20.85 5.82
C VAL B 35 2.58 -20.64 7.34
N THR B 36 2.08 -19.47 7.75
CA THR B 36 2.08 -19.07 9.16
C THR B 36 0.67 -18.79 9.64
N CYS B 37 0.31 -19.39 10.78
CA CYS B 37 -1.01 -19.21 11.41
C CYS B 37 -0.83 -18.50 12.75
N VAL B 38 -1.28 -17.24 12.79
CA VAL B 38 -1.08 -16.37 13.96
C VAL B 38 -2.41 -16.27 14.74
N VAL B 39 -2.34 -16.52 16.05
CA VAL B 39 -3.52 -16.46 16.90
C VAL B 39 -3.34 -15.35 17.93
N VAL B 40 -4.23 -14.36 17.90
CA VAL B 40 -4.18 -13.20 18.81
C VAL B 40 -5.33 -13.21 19.83
N ASP B 41 -5.31 -12.27 20.78
CA ASP B 41 -6.31 -12.18 21.87
C ASP B 41 -6.43 -13.46 22.68
N VAL B 42 -5.31 -14.12 22.94
CA VAL B 42 -5.31 -15.30 23.80
C VAL B 42 -5.13 -14.78 25.22
N SER B 43 -6.12 -15.04 26.06
CA SER B 43 -6.12 -14.52 27.43
C SER B 43 -5.29 -15.38 28.38
N HIS B 44 -4.94 -14.79 29.52
CA HIS B 44 -4.27 -15.49 30.61
C HIS B 44 -5.15 -16.61 31.17
N GLU B 45 -6.43 -16.31 31.38
CA GLU B 45 -7.40 -17.26 31.96
C GLU B 45 -7.60 -18.52 31.10
N ASP B 46 -7.56 -18.35 29.79
CA ASP B 46 -7.70 -19.44 28.83
C ASP B 46 -6.49 -19.45 27.90
N PRO B 47 -5.44 -20.18 28.31
CA PRO B 47 -4.12 -20.04 27.71
C PRO B 47 -3.77 -20.97 26.55
N GLU B 48 -4.35 -22.18 26.51
CA GLU B 48 -3.79 -23.26 25.68
C GLU B 48 -4.45 -23.47 24.31
N VAL B 49 -3.63 -23.45 23.25
CA VAL B 49 -4.10 -23.43 21.85
C VAL B 49 -3.60 -24.67 21.09
N LYS B 50 -4.49 -25.29 20.32
CA LYS B 50 -4.12 -26.40 19.42
C LYS B 50 -4.24 -25.98 17.95
N PHE B 51 -3.37 -26.55 17.11
CA PHE B 51 -3.40 -26.39 15.64
C PHE B 51 -3.49 -27.76 14.95
N ASN B 52 -4.41 -27.86 13.99
CA ASN B 52 -4.35 -28.93 12.98
C ASN B 52 -4.06 -28.27 11.64
N TRP B 53 -3.33 -28.98 10.77
CA TRP B 53 -2.94 -28.45 9.44
C TRP B 53 -3.34 -29.41 8.33
N TYR B 54 -3.74 -28.84 7.19
CA TYR B 54 -4.27 -29.63 6.05
C TYR B 54 -3.79 -29.05 4.71
N VAL B 55 -3.41 -29.95 3.80
CA VAL B 55 -2.91 -29.60 2.46
C VAL B 55 -3.81 -30.28 1.45
N ASP B 56 -4.71 -29.50 0.84
CA ASP B 56 -5.81 -30.01 -0.02
C ASP B 56 -6.76 -30.99 0.68
N GLY B 57 -6.87 -30.86 2.01
CA GLY B 57 -7.77 -31.67 2.81
C GLY B 57 -7.08 -32.87 3.46
N VAL B 58 -5.95 -33.29 2.89
CA VAL B 58 -5.13 -34.37 3.45
C VAL B 58 -4.37 -33.76 4.62
N GLU B 59 -4.64 -34.26 5.83
CA GLU B 59 -3.94 -33.80 7.03
C GLU B 59 -2.45 -34.09 6.91
N VAL B 60 -1.63 -33.14 7.32
CA VAL B 60 -0.18 -33.30 7.33
C VAL B 60 0.34 -32.98 8.73
N HIS B 61 1.55 -33.42 9.05
CA HIS B 61 1.96 -33.43 10.44
C HIS B 61 3.24 -32.66 10.81
N ASN B 62 3.97 -32.21 9.77
CA ASN B 62 5.13 -31.30 9.90
C ASN B 62 4.60 -29.91 10.20
N ALA B 63 4.93 -29.34 11.36
CA ALA B 63 4.40 -28.03 11.83
C ALA B 63 5.01 -27.66 13.17
N LYS B 64 5.28 -26.38 13.39
CA LYS B 64 6.00 -25.97 14.59
C LYS B 64 5.41 -24.74 15.26
N THR B 65 5.10 -24.87 16.56
CA THR B 65 4.60 -23.78 17.39
C THR B 65 5.76 -22.96 17.99
N LYS B 66 5.78 -21.65 17.73
CA LYS B 66 6.76 -20.72 18.31
C LYS B 66 6.52 -20.53 19.84
N PRO B 67 7.59 -20.18 20.61
CA PRO B 67 7.35 -19.70 22.00
C PRO B 67 6.58 -18.38 21.95
N ARG B 68 5.54 -18.27 22.79
CA ARG B 68 4.55 -17.21 22.67
C ARG B 68 5.04 -15.87 23.21
N GLU B 69 4.29 -14.81 22.89
CA GLU B 69 4.63 -13.45 23.25
C GLU B 69 3.51 -12.82 24.09
N GLU B 70 3.90 -12.12 25.15
CA GLU B 70 2.96 -11.34 25.94
C GLU B 70 2.83 -9.95 25.32
N GLN B 71 1.63 -9.62 24.84
CA GLN B 71 1.37 -8.29 24.27
C GLN B 71 1.16 -7.26 25.37
N TYR B 72 1.42 -5.98 25.07
CA TYR B 72 1.31 -4.92 26.09
C TYR B 72 -0.14 -4.62 26.50
N ASN B 73 -1.10 -5.22 25.78
CA ASN B 73 -2.51 -5.26 26.21
C ASN B 73 -2.84 -6.51 27.05
N SER B 74 -1.78 -7.16 27.56
CA SER B 74 -1.84 -8.32 28.47
C SER B 74 -2.46 -9.61 27.90
N THR B 75 -2.62 -9.65 26.58
CA THR B 75 -3.05 -10.86 25.87
C THR B 75 -1.83 -11.56 25.20
N TYR B 76 -2.02 -12.82 24.83
CA TYR B 76 -0.97 -13.61 24.19
C TYR B 76 -1.12 -13.73 22.66
N ARG B 77 0.02 -13.99 22.03
CA ARG B 77 0.21 -14.02 20.59
C ARG B 77 0.89 -15.37 20.33
N VAL B 78 0.13 -16.34 19.81
CA VAL B 78 0.62 -17.71 19.55
C VAL B 78 0.70 -17.99 18.04
N VAL B 79 1.80 -18.64 17.61
CA VAL B 79 2.13 -18.81 16.17
C VAL B 79 2.46 -20.27 15.80
N SER B 80 1.70 -20.87 14.87
CA SER B 80 2.17 -22.10 14.21
C SER B 80 2.78 -21.79 12.84
N VAL B 81 3.86 -22.50 12.50
CA VAL B 81 4.59 -22.37 11.24
C VAL B 81 4.70 -23.72 10.50
N LEU B 82 4.08 -23.79 9.31
CA LEU B 82 4.17 -24.99 8.44
C LEU B 82 5.07 -24.81 7.23
N THR B 83 6.15 -25.59 7.17
CA THR B 83 6.99 -25.69 5.98
C THR B 83 6.21 -26.28 4.78
N VAL B 84 6.33 -25.65 3.62
CA VAL B 84 5.60 -26.08 2.43
C VAL B 84 6.58 -26.43 1.33
N LEU B 85 6.21 -27.36 0.46
CA LEU B 85 7.06 -27.63 -0.71
C LEU B 85 6.85 -26.53 -1.72
N HIS B 86 7.95 -26.08 -2.33
CA HIS B 86 7.96 -25.00 -3.31
C HIS B 86 6.93 -25.26 -4.42
N GLN B 87 6.96 -26.47 -4.98
CA GLN B 87 6.12 -26.79 -6.13
C GLN B 87 4.65 -26.98 -5.73
N ASP B 88 4.40 -27.48 -4.52
CA ASP B 88 3.05 -27.52 -3.94
C ASP B 88 2.44 -26.14 -3.85
N TRP B 89 3.20 -25.16 -3.35
CA TRP B 89 2.71 -23.80 -3.27
C TRP B 89 2.45 -23.24 -4.67
N LEU B 90 3.43 -23.43 -5.56
CA LEU B 90 3.33 -22.92 -6.93
C LEU B 90 2.24 -23.58 -7.81
N ASN B 91 1.94 -24.87 -7.55
CA ASN B 91 0.83 -25.58 -8.22
C ASN B 91 -0.54 -25.28 -7.62
N GLY B 92 -0.56 -24.40 -6.63
CA GLY B 92 -1.79 -23.86 -6.07
C GLY B 92 -2.52 -24.71 -5.06
N LYS B 93 -1.81 -25.58 -4.34
CA LYS B 93 -2.43 -26.40 -3.28
C LYS B 93 -2.97 -25.52 -2.14
N GLU B 94 -4.08 -25.91 -1.55
CA GLU B 94 -4.64 -25.17 -0.42
C GLU B 94 -4.08 -25.56 0.93
N TYR B 95 -3.79 -24.56 1.74
CA TYR B 95 -3.29 -24.77 3.09
C TYR B 95 -4.32 -24.29 4.12
N LYS B 96 -4.80 -25.21 4.94
CA LYS B 96 -5.80 -24.91 5.94
C LYS B 96 -5.27 -25.02 7.37
N CYS B 97 -5.47 -23.93 8.12
CA CYS B 97 -5.15 -23.88 9.54
C CYS B 97 -6.44 -23.95 10.38
N LYS B 98 -6.59 -25.04 11.15
CA LYS B 98 -7.74 -25.25 12.07
C LYS B 98 -7.24 -25.02 13.50
N VAL B 99 -7.80 -23.99 14.14
CA VAL B 99 -7.35 -23.58 15.47
C VAL B 99 -8.43 -23.97 16.51
N SER B 100 -8.03 -24.77 17.50
CA SER B 100 -8.97 -25.20 18.55
C SER B 100 -8.54 -24.66 19.90
N ASN B 101 -9.48 -23.98 20.55
CA ASN B 101 -9.32 -23.36 21.88
C ASN B 101 -10.68 -23.50 22.57
N LYS B 102 -10.71 -24.25 23.68
CA LYS B 102 -12.00 -24.60 24.31
C LYS B 102 -12.68 -23.46 25.10
N ALA B 103 -12.22 -22.23 24.85
CA ALA B 103 -12.90 -21.00 25.30
C ALA B 103 -13.08 -20.09 24.10
N LEU B 104 -13.74 -20.66 23.10
CA LEU B 104 -14.03 -20.08 21.80
C LEU B 104 -15.14 -21.02 21.30
N PRO B 105 -16.25 -20.47 20.75
CA PRO B 105 -17.49 -21.25 20.58
C PRO B 105 -17.31 -22.58 19.81
N ALA B 106 -16.55 -22.51 18.73
CA ALA B 106 -16.20 -23.64 17.86
C ALA B 106 -14.74 -23.44 17.34
N PRO B 107 -14.08 -24.52 16.87
CA PRO B 107 -12.81 -24.38 16.14
C PRO B 107 -12.88 -23.42 14.95
N ILE B 108 -11.91 -22.51 14.85
CA ILE B 108 -11.78 -21.59 13.70
C ILE B 108 -10.84 -22.22 12.64
N GLU B 109 -11.32 -22.28 11.40
CA GLU B 109 -10.52 -22.68 10.24
C GLU B 109 -10.26 -21.48 9.34
N LYS B 110 -9.02 -21.37 8.86
CA LYS B 110 -8.63 -20.42 7.79
C LYS B 110 -7.94 -21.17 6.66
N THR B 111 -8.13 -20.70 5.43
CA THR B 111 -7.52 -21.29 4.24
C THR B 111 -6.84 -20.23 3.36
N ILE B 112 -5.74 -20.62 2.73
CA ILE B 112 -4.95 -19.76 1.86
C ILE B 112 -4.39 -20.58 0.70
N SER B 113 -4.19 -19.93 -0.46
CA SER B 113 -3.38 -20.52 -1.53
C SER B 113 -2.89 -19.45 -2.47
N LYS B 114 -2.04 -19.86 -3.41
CA LYS B 114 -1.54 -18.93 -4.41
C LYS B 114 -2.68 -18.30 -5.18
N ALA B 115 -2.59 -17.01 -5.53
CA ALA B 115 -3.55 -16.40 -6.45
C ALA B 115 -3.68 -17.23 -7.77
N LYS B 116 -4.90 -17.34 -8.24
CA LYS B 116 -5.23 -18.20 -9.40
C LYS B 116 -5.12 -17.42 -10.68
N GLY B 117 -4.73 -18.12 -11.75
CA GLY B 117 -4.69 -17.54 -13.07
C GLY B 117 -3.33 -17.77 -13.68
N GLN B 118 -3.29 -17.68 -15.01
CA GLN B 118 -2.07 -17.85 -15.79
C GLN B 118 -0.97 -16.92 -15.35
N PRO B 119 0.17 -17.46 -14.89
CA PRO B 119 1.29 -16.57 -14.58
C PRO B 119 1.77 -15.84 -15.86
N ARG B 120 2.16 -14.58 -15.69
CA ARG B 120 2.60 -13.70 -16.77
C ARG B 120 3.95 -13.10 -16.38
N GLU B 121 4.88 -13.12 -17.33
CA GLU B 121 6.27 -12.74 -17.15
C GLU B 121 6.46 -11.22 -16.91
N PRO B 122 7.24 -10.84 -15.87
CA PRO B 122 7.47 -9.39 -15.77
C PRO B 122 8.37 -8.85 -16.88
N GLN B 123 8.07 -7.63 -17.30
CA GLN B 123 8.91 -6.86 -18.20
C GLN B 123 9.68 -5.91 -17.31
N VAL B 124 11.00 -5.90 -17.45
CA VAL B 124 11.86 -5.16 -16.52
C VAL B 124 12.63 -4.09 -17.30
N TYR B 125 12.49 -2.82 -16.88
CA TYR B 125 13.14 -1.69 -17.54
C TYR B 125 13.88 -0.86 -16.49
N THR B 126 15.13 -0.54 -16.78
CA THR B 126 15.88 0.35 -15.90
C THR B 126 15.84 1.78 -16.48
N LEU B 127 15.63 2.78 -15.61
CA LEU B 127 15.59 4.19 -16.03
C LEU B 127 16.59 5.03 -15.25
N PRO B 128 17.41 5.82 -15.97
CA PRO B 128 18.41 6.68 -15.34
C PRO B 128 17.78 7.84 -14.58
N PRO B 129 18.55 8.53 -13.70
CA PRO B 129 17.99 9.73 -13.03
C PRO B 129 17.58 10.80 -14.02
N SER B 130 16.61 11.62 -13.66
CA SER B 130 16.22 12.78 -14.45
C SER B 130 17.43 13.72 -14.57
N ARG B 131 17.50 14.43 -15.70
CA ARG B 131 18.39 15.60 -15.87
C ARG B 131 18.21 16.61 -14.70
N GLU B 132 16.96 16.96 -14.40
CA GLU B 132 16.61 17.82 -13.26
C GLU B 132 17.21 17.35 -11.91
N GLU B 133 17.33 16.03 -11.72
CA GLU B 133 17.83 15.46 -10.45
C GLU B 133 19.36 15.60 -10.29
N MET B 134 20.06 15.83 -11.40
CA MET B 134 21.51 15.78 -11.46
C MET B 134 22.23 16.93 -10.73
N THR B 135 21.45 17.85 -10.20
CA THR B 135 21.96 18.99 -9.41
C THR B 135 21.95 18.69 -7.89
N LYS B 136 21.37 17.53 -7.51
CA LYS B 136 21.32 17.09 -6.10
C LYS B 136 22.57 16.24 -5.78
N ASN B 137 22.75 15.96 -4.49
CA ASN B 137 23.87 15.14 -4.03
C ASN B 137 23.65 13.63 -4.23
N GLN B 138 22.39 13.21 -4.15
CA GLN B 138 22.03 11.82 -4.33
C GLN B 138 21.04 11.72 -5.49
N VAL B 139 21.18 10.68 -6.28
CA VAL B 139 20.28 10.49 -7.44
C VAL B 139 19.53 9.16 -7.34
N SER B 140 18.40 9.11 -8.04
CA SER B 140 17.49 7.96 -8.01
C SER B 140 17.66 7.12 -9.28
N LEU B 141 17.99 5.83 -9.11
CA LEU B 141 17.97 4.85 -10.20
C LEU B 141 16.70 4.05 -10.05
N THR B 142 15.99 3.92 -11.17
CA THR B 142 14.62 3.41 -11.17
C THR B 142 14.52 2.11 -11.96
N CYS B 143 13.84 1.12 -11.38
CA CYS B 143 13.57 -0.12 -12.08
C CYS B 143 12.06 -0.28 -12.19
N LEU B 144 11.54 -0.25 -13.41
CA LEU B 144 10.12 -0.40 -13.61
C LEU B 144 9.93 -1.88 -13.93
N VAL B 145 9.05 -2.53 -13.17
CA VAL B 145 8.72 -3.97 -13.40
C VAL B 145 7.22 -4.04 -13.71
N LYS B 146 6.83 -4.39 -14.91
CA LYS B 146 5.39 -4.41 -15.24
C LYS B 146 4.91 -5.70 -15.93
N GLY B 147 3.60 -5.87 -15.97
CA GLY B 147 2.98 -6.92 -16.79
C GLY B 147 2.99 -8.30 -16.13
N PHE B 148 3.24 -8.38 -14.82
CA PHE B 148 3.41 -9.63 -14.15
C PHE B 148 2.17 -10.10 -13.40
N TYR B 149 2.08 -11.41 -13.25
CA TYR B 149 0.96 -12.08 -12.61
C TYR B 149 1.46 -13.45 -12.19
N PRO B 150 1.16 -13.89 -10.95
CA PRO B 150 0.50 -13.09 -9.88
C PRO B 150 1.42 -12.02 -9.25
N SER B 151 0.91 -11.28 -8.26
CA SER B 151 1.63 -10.10 -7.72
C SER B 151 2.82 -10.47 -6.83
N ASP B 152 2.95 -11.74 -6.45
CA ASP B 152 4.12 -12.27 -5.70
C ASP B 152 5.42 -12.12 -6.48
N ILE B 153 6.33 -11.26 -5.98
CA ILE B 153 7.56 -10.89 -6.67
C ILE B 153 8.62 -10.43 -5.64
N ALA B 154 9.89 -10.45 -6.05
CA ALA B 154 10.99 -9.91 -5.23
C ALA B 154 11.92 -9.15 -6.15
N VAL B 155 12.42 -8.02 -5.65
CA VAL B 155 13.27 -7.06 -6.35
C VAL B 155 14.43 -6.68 -5.39
N GLU B 156 15.65 -6.72 -5.93
CA GLU B 156 16.88 -6.37 -5.21
C GLU B 156 17.81 -5.60 -6.14
N TRP B 157 18.79 -4.90 -5.57
CA TRP B 157 19.81 -4.22 -6.35
C TRP B 157 21.25 -4.66 -6.00
N GLU B 158 22.11 -4.61 -7.01
CA GLU B 158 23.51 -5.00 -6.90
C GLU B 158 24.40 -4.11 -7.71
N SER B 159 25.68 -4.12 -7.36
CA SER B 159 26.72 -3.46 -8.13
C SER B 159 27.98 -4.23 -7.91
N ASN B 160 28.64 -4.59 -9.01
CA ASN B 160 29.86 -5.42 -8.95
C ASN B 160 29.64 -6.65 -8.06
N GLY B 161 28.57 -7.39 -8.37
CA GLY B 161 28.10 -8.57 -7.62
C GLY B 161 27.93 -8.44 -6.11
N GLN B 162 27.76 -7.20 -5.62
CA GLN B 162 27.61 -6.91 -4.19
C GLN B 162 26.27 -6.21 -3.95
N PRO B 163 25.54 -6.60 -2.88
CA PRO B 163 24.20 -5.99 -2.69
C PRO B 163 24.28 -4.49 -2.46
N GLU B 164 23.41 -3.75 -3.14
CA GLU B 164 23.20 -2.32 -2.92
C GLU B 164 21.96 -2.21 -2.08
N ASN B 165 22.08 -1.61 -0.91
CA ASN B 165 21.04 -1.73 0.11
C ASN B 165 20.13 -0.51 0.37
N ASN B 166 20.53 0.63 -0.16
CA ASN B 166 19.74 1.85 -0.03
C ASN B 166 18.65 1.98 -1.14
N TYR B 167 17.69 1.07 -1.13
CA TYR B 167 16.59 1.11 -2.06
C TYR B 167 15.27 0.86 -1.36
N LYS B 168 14.19 1.31 -2.00
CA LYS B 168 12.81 1.01 -1.60
C LYS B 168 12.03 0.63 -2.85
N THR B 169 11.13 -0.33 -2.71
CA THR B 169 10.26 -0.85 -3.77
C THR B 169 8.79 -0.58 -3.40
N THR B 170 8.00 -0.10 -4.36
CA THR B 170 6.56 0.10 -4.13
C THR B 170 5.89 -1.27 -4.03
N PRO B 171 4.75 -1.35 -3.34
CA PRO B 171 3.92 -2.55 -3.46
C PRO B 171 3.50 -2.78 -4.95
N PRO B 172 3.07 -4.00 -5.30
CA PRO B 172 2.54 -4.18 -6.66
C PRO B 172 1.25 -3.40 -6.80
N VAL B 173 1.02 -2.87 -7.99
CA VAL B 173 -0.20 -2.14 -8.30
C VAL B 173 -0.91 -2.79 -9.47
N LEU B 174 -2.22 -2.95 -9.30
CA LEU B 174 -3.09 -3.52 -10.32
C LEU B 174 -3.17 -2.55 -11.50
N ASP B 175 -2.71 -3.03 -12.65
CA ASP B 175 -2.79 -2.29 -13.90
C ASP B 175 -4.14 -2.57 -14.56
N SER B 176 -4.47 -1.78 -15.58
CA SER B 176 -5.77 -1.85 -16.25
C SER B 176 -6.03 -3.17 -16.98
N ASP B 177 -4.98 -3.91 -17.33
CA ASP B 177 -5.14 -5.23 -17.99
C ASP B 177 -5.19 -6.42 -17.01
N GLY B 178 -5.25 -6.15 -15.72
CA GLY B 178 -5.30 -7.25 -14.76
C GLY B 178 -3.94 -7.78 -14.38
N SER B 179 -2.88 -7.32 -15.06
CA SER B 179 -1.52 -7.60 -14.60
C SER B 179 -1.11 -6.56 -13.53
N PHE B 180 0.09 -6.74 -12.95
CA PHE B 180 0.58 -5.86 -11.89
C PHE B 180 1.85 -5.16 -12.35
N PHE B 181 2.11 -3.97 -11.79
CA PHE B 181 3.42 -3.32 -11.94
C PHE B 181 3.92 -2.83 -10.59
N LEU B 182 5.20 -2.49 -10.53
CA LEU B 182 5.77 -1.79 -9.38
C LEU B 182 6.98 -1.01 -9.87
N TYR B 183 7.56 -0.20 -8.97
CA TYR B 183 8.82 0.50 -9.26
C TYR B 183 9.72 0.26 -8.07
N SER B 184 11.01 0.14 -8.33
CA SER B 184 11.99 0.08 -7.23
C SER B 184 12.96 1.23 -7.46
N LYS B 185 13.36 1.92 -6.38
CA LYS B 185 14.19 3.14 -6.47
C LYS B 185 15.41 2.89 -5.64
N LEU B 186 16.55 2.89 -6.31
CA LEU B 186 17.84 2.88 -5.66
C LEU B 186 18.42 4.30 -5.55
N THR B 187 18.82 4.69 -4.34
CA THR B 187 19.47 5.99 -4.13
C THR B 187 20.98 5.80 -4.00
N VAL B 188 21.72 6.50 -4.86
CA VAL B 188 23.20 6.50 -4.84
C VAL B 188 23.76 7.92 -4.84
N ASP B 189 24.91 8.08 -4.19
CA ASP B 189 25.76 9.28 -4.37
C ASP B 189 25.94 9.56 -5.85
N LYS B 190 25.67 10.80 -6.25
CA LYS B 190 25.88 11.25 -7.63
C LYS B 190 27.28 10.85 -8.15
N SER B 191 28.30 10.95 -7.28
CA SER B 191 29.69 10.48 -7.53
C SER B 191 29.78 9.10 -8.14
N ARG B 192 29.08 8.14 -7.53
CA ARG B 192 29.12 6.74 -8.01
C ARG B 192 28.52 6.60 -9.40
N TRP B 193 27.40 7.29 -9.60
CA TRP B 193 26.74 7.33 -10.90
C TRP B 193 27.62 7.95 -11.98
N GLN B 194 28.22 9.13 -11.71
CA GLN B 194 29.06 9.87 -12.69
C GLN B 194 30.33 9.14 -13.10
N GLN B 195 30.97 8.47 -12.12
CA GLN B 195 32.10 7.59 -12.36
C GLN B 195 31.83 6.39 -13.28
N GLY B 196 30.56 6.10 -13.57
CA GLY B 196 30.19 5.06 -14.52
C GLY B 196 30.10 3.63 -13.98
N ASN B 197 29.85 3.49 -12.68
CA ASN B 197 29.52 2.20 -12.06
C ASN B 197 28.27 1.57 -12.70
N VAL B 198 28.30 0.24 -12.85
CA VAL B 198 27.13 -0.48 -13.33
C VAL B 198 26.30 -0.87 -12.10
N PHE B 199 25.00 -0.62 -12.17
CA PHE B 199 24.00 -1.04 -11.17
C PHE B 199 23.02 -1.99 -11.83
N SER B 200 22.54 -2.98 -11.10
CA SER B 200 21.51 -3.82 -11.63
C SER B 200 20.40 -4.10 -10.66
N CYS B 201 19.23 -4.20 -11.28
CA CYS B 201 17.98 -4.51 -10.70
C CYS B 201 17.76 -6.02 -10.98
N SER B 202 17.61 -6.81 -9.91
CA SER B 202 17.33 -8.26 -9.97
C SER B 202 15.89 -8.45 -9.65
N VAL B 203 15.22 -9.27 -10.45
CA VAL B 203 13.79 -9.51 -10.30
C VAL B 203 13.54 -11.02 -10.23
N MET B 204 12.83 -11.48 -9.21
CA MET B 204 12.43 -12.91 -9.04
C MET B 204 10.95 -13.05 -9.09
N HIS B 205 10.49 -13.96 -9.94
CA HIS B 205 9.10 -14.14 -10.25
C HIS B 205 8.96 -15.50 -10.90
N GLU B 206 7.89 -16.19 -10.53
CA GLU B 206 7.63 -17.54 -11.01
C GLU B 206 7.55 -17.68 -12.53
N ALA B 207 7.13 -16.64 -13.25
CA ALA B 207 6.99 -16.79 -14.72
C ALA B 207 8.29 -16.52 -15.51
N LEU B 208 9.36 -16.06 -14.85
CA LEU B 208 10.67 -15.88 -15.50
C LEU B 208 11.42 -17.22 -15.63
N HIS B 209 12.21 -17.38 -16.70
CA HIS B 209 13.08 -18.56 -16.82
C HIS B 209 14.08 -18.56 -15.64
N ASN B 210 14.24 -19.71 -14.99
CA ASN B 210 14.98 -19.80 -13.73
C ASN B 210 14.49 -18.83 -12.62
N HIS B 211 13.23 -18.40 -12.68
CA HIS B 211 12.61 -17.50 -11.70
C HIS B 211 13.40 -16.23 -11.42
N TYR B 212 14.20 -15.76 -12.38
CA TYR B 212 15.16 -14.70 -12.14
C TYR B 212 15.58 -13.99 -13.40
N THR B 213 15.65 -12.66 -13.36
CA THR B 213 16.28 -11.89 -14.42
C THR B 213 16.98 -10.69 -13.79
N GLN B 214 17.97 -10.14 -14.48
CA GLN B 214 18.60 -8.90 -14.02
C GLN B 214 18.81 -7.95 -15.20
N LYS B 215 18.61 -6.65 -14.97
CA LYS B 215 18.83 -5.61 -15.98
C LYS B 215 19.80 -4.60 -15.41
N SER B 216 20.73 -4.15 -16.25
CA SER B 216 21.78 -3.24 -15.81
C SER B 216 21.48 -1.77 -16.14
N LEU B 217 22.14 -0.88 -15.41
CA LEU B 217 21.95 0.56 -15.58
C LEU B 217 23.28 1.25 -15.28
N SER B 218 23.84 1.91 -16.29
CA SER B 218 25.02 2.77 -16.07
C SER B 218 24.96 4.08 -16.86
N LEU B 219 25.80 5.05 -16.48
CA LEU B 219 25.86 6.36 -17.13
C LEU B 219 26.08 6.19 -18.64
N SER B 220 25.08 6.64 -19.42
CA SER B 220 25.06 6.48 -20.88
C SER B 220 24.76 7.80 -21.58
C1 NAG C . -24.06 -4.76 8.15
C2 NAG C . -22.67 -5.26 8.62
C3 NAG C . -21.68 -4.10 8.70
C4 NAG C . -21.66 -3.23 7.43
C5 NAG C . -23.11 -2.83 7.08
C6 NAG C . -23.28 -1.99 5.83
C7 NAG C . -22.77 -7.20 10.11
C8 NAG C . -22.81 -7.63 11.54
N2 NAG C . -22.73 -5.89 9.92
O3 NAG C . -20.39 -4.68 8.92
O4 NAG C . -20.94 -2.01 7.63
O5 NAG C . -23.92 -4.00 6.94
O6 NAG C . -22.70 -2.68 4.73
O7 NAG C . -22.76 -8.00 9.17
C1 NAG C . -19.57 -2.14 7.28
C2 NAG C . -19.04 -0.82 6.70
C3 NAG C . -17.53 -0.93 6.44
C4 NAG C . -16.76 -1.40 7.69
C5 NAG C . -17.39 -2.71 8.18
C6 NAG C . -16.72 -3.28 9.44
C7 NAG C . -20.41 0.72 5.34
C8 NAG C . -21.14 0.79 4.01
N2 NAG C . -19.80 -0.46 5.51
O3 NAG C . -17.07 0.35 6.02
O4 NAG C . -15.40 -1.75 7.37
O5 NAG C . -18.80 -2.50 8.44
O6 NAG C . -17.48 -4.45 9.82
O7 NAG C . -20.44 1.67 6.15
C1 BMA C . -14.47 -0.68 7.46
C2 BMA C . -13.13 -1.25 7.92
C3 BMA C . -12.03 -0.16 7.86
C4 BMA C . -11.98 0.54 6.50
C5 BMA C . -13.36 1.04 6.12
C6 BMA C . -13.36 1.63 4.71
O2 BMA C . -12.81 -2.37 7.07
O3 BMA C . -10.74 -0.74 8.05
O4 BMA C . -11.14 1.63 6.65
O5 BMA C . -14.31 -0.04 6.18
O6 BMA C . -14.73 1.95 4.50
C1 MAN C . -14.85 2.66 3.25
C2 MAN C . -16.24 3.33 3.20
C3 MAN C . -17.35 2.28 2.98
C4 MAN C . -17.06 1.39 1.77
C5 MAN C . -15.63 0.81 1.88
C6 MAN C . -15.27 -0.03 0.66
O2 MAN C . -16.23 4.20 2.06
O3 MAN C . -18.59 2.96 2.78
O4 MAN C . -18.01 0.33 1.66
O5 MAN C . -14.65 1.87 2.08
O6 MAN C . -13.84 -0.12 0.58
C1 NAG C . -15.65 5.45 2.36
C2 NAG C . -15.19 6.14 1.09
C3 NAG C . -14.73 7.57 1.38
C4 NAG C . -15.72 8.33 2.27
C5 NAG C . -16.15 7.49 3.49
C6 NAG C . -17.29 8.10 4.28
C7 NAG C . -14.35 4.45 -0.50
C8 NAG C . -13.11 3.81 -1.04
N2 NAG C . -14.14 5.40 0.43
O3 NAG C . -14.65 8.27 0.14
O4 NAG C . -15.13 9.58 2.68
O5 NAG C . -16.64 6.24 3.03
O6 NAG C . -18.38 8.35 3.41
O7 NAG C . -15.47 4.10 -0.88
C1 GAL C . -15.89 10.71 2.26
C2 GAL C . -14.97 11.90 2.52
C3 GAL C . -15.63 13.17 1.98
C4 GAL C . -15.88 13.05 0.46
C5 GAL C . -16.80 11.84 0.24
C6 GAL C . -17.13 11.60 -1.25
O2 GAL C . -14.71 11.98 3.91
O3 GAL C . -14.85 14.29 2.35
O4 GAL C . -14.67 12.92 -0.32
O5 GAL C . -16.27 10.64 0.86
O6 GAL C . -17.31 10.19 -1.45
C1 MAN C . -10.17 -0.35 9.31
C2 MAN C . -8.66 -0.57 9.19
C3 MAN C . -8.36 -2.06 9.16
C4 MAN C . -8.96 -2.78 10.35
C5 MAN C . -10.46 -2.47 10.49
C6 MAN C . -11.03 -2.98 11.81
O2 MAN C . -7.95 -0.04 10.30
O3 MAN C . -6.95 -2.20 9.20
O4 MAN C . -8.77 -4.16 10.15
O5 MAN C . -10.71 -1.05 10.44
O6 MAN C . -12.43 -2.71 11.82
C1 NAG C . -7.54 1.31 10.09
C2 NAG C . -7.61 1.98 11.46
C3 NAG C . -7.20 3.45 11.39
C4 NAG C . -5.90 3.67 10.64
C5 NAG C . -5.67 2.78 9.41
C6 NAG C . -4.16 2.68 9.16
C7 NAG C . -9.25 1.01 13.07
C8 NAG C . -8.17 0.17 13.71
N2 NAG C . -8.94 1.82 12.05
O3 NAG C . -6.99 3.87 12.73
O4 NAG C . -5.85 5.05 10.24
O5 NAG C . -6.24 1.44 9.49
O6 NAG C . -3.91 2.21 7.82
O7 NAG C . -10.40 0.94 13.47
C1 FUC C . -23.59 -2.75 3.60
C2 FUC C . -22.79 -3.17 2.37
C3 FUC C . -22.40 -4.63 2.53
C4 FUC C . -23.64 -5.51 2.72
C5 FUC C . -24.40 -5.03 3.97
C6 FUC C . -25.64 -5.89 4.30
O2 FUC C . -21.61 -2.38 2.23
O3 FUC C . -21.69 -5.05 1.39
O4 FUC C . -24.49 -5.36 1.59
O5 FUC C . -24.72 -3.63 3.82
C1 NAG D . -3.56 -7.01 21.69
C2 NAG D . -4.75 -6.61 20.81
C3 NAG D . -4.74 -7.39 19.49
C4 NAG D . -3.37 -7.38 18.78
C5 NAG D . -2.18 -7.61 19.74
C6 NAG D . -0.88 -7.19 19.07
C7 NAG D . -6.84 -5.96 22.03
C8 NAG D . -8.10 -6.52 22.63
N2 NAG D . -6.02 -6.87 21.47
O3 NAG D . -5.74 -6.82 18.64
O4 NAG D . -3.32 -8.38 17.75
O5 NAG D . -2.30 -6.91 20.99
O6 NAG D . -0.70 -5.78 19.24
O7 NAG D . -6.61 -4.77 22.06
C1 NAG D . -3.52 -7.76 16.47
C2 NAG D . -2.55 -8.32 15.43
C3 NAG D . -2.97 -7.88 14.02
C4 NAG D . -4.47 -8.08 13.72
C5 NAG D . -5.31 -7.47 14.84
C6 NAG D . -6.81 -7.77 14.70
C7 NAG D . -0.12 -8.76 15.81
C8 NAG D . 1.20 -8.14 16.13
N2 NAG D . -1.17 -7.93 15.73
O3 NAG D . -2.22 -8.64 13.08
O4 NAG D . -4.84 -7.42 12.49
O5 NAG D . -4.89 -7.95 16.12
O6 NAG D . -7.48 -7.09 15.76
O7 NAG D . -0.19 -9.97 15.62
C1 BMA D . -4.83 -8.28 11.32
C2 BMA D . -5.99 -7.85 10.42
C3 BMA D . -5.91 -8.47 9.00
C4 BMA D . -4.53 -8.39 8.38
C5 BMA D . -3.42 -8.78 9.38
C6 BMA D . -2.04 -8.41 8.82
O2 BMA D . -6.01 -6.42 10.43
O3 BMA D . -6.77 -7.80 8.07
O4 BMA D . -4.53 -9.27 7.25
O5 BMA D . -3.59 -8.11 10.64
O6 BMA D . -1.10 -8.58 9.88
C1 MAN D . -7.94 -8.55 7.74
C2 MAN D . -8.62 -7.90 6.54
C3 MAN D . -9.21 -6.53 6.93
C4 MAN D . -10.15 -6.65 8.14
C5 MAN D . -9.48 -7.42 9.30
C6 MAN D . -10.36 -7.67 10.52
O2 MAN D . -9.71 -8.73 6.10
O3 MAN D . -9.94 -5.97 5.85
O4 MAN D . -10.49 -5.33 8.57
O5 MAN D . -8.91 -8.67 8.81
O6 MAN D . -9.52 -7.83 11.68
C1 NAG D . -9.38 -9.69 5.08
C2 NAG D . -10.55 -10.68 4.98
C3 NAG D . -10.66 -11.49 3.67
C4 NAG D . -9.89 -10.92 2.47
C5 NAG D . -8.64 -10.13 2.88
C6 NAG D . -7.89 -9.46 1.73
C7 NAG D . -10.97 -11.43 7.30
C8 NAG D . -10.58 -12.47 8.30
N2 NAG D . -10.38 -11.57 6.11
O3 NAG D . -12.05 -11.57 3.32
O4 NAG D . -9.56 -12.01 1.59
O5 NAG D . -9.07 -9.11 3.80
O6 NAG D . -8.62 -8.32 1.28
O7 NAG D . -11.76 -10.54 7.57
C1 MAN D . 0.27 -8.59 9.41
C2 MAN D . 1.16 -9.39 10.39
C3 MAN D . 1.22 -8.64 11.73
C4 MAN D . 1.68 -7.19 11.55
C5 MAN D . 0.86 -6.46 10.47
C6 MAN D . 1.42 -5.09 10.13
O2 MAN D . 2.51 -9.52 9.92
O3 MAN D . 2.10 -9.31 12.64
O4 MAN D . 1.63 -6.51 12.80
O5 MAN D . 0.83 -7.26 9.26
O6 MAN D . 0.41 -4.30 9.48
C1 NAG D . 2.73 -10.64 9.05
C2 NAG D . 3.86 -10.29 8.08
C3 NAG D . 4.32 -11.50 7.26
C4 NAG D . 4.68 -12.66 8.17
C5 NAG D . 3.50 -13.01 9.08
C6 NAG D . 3.90 -14.08 10.10
C7 NAG D . 3.70 -7.91 7.35
C8 NAG D . 3.22 -7.03 6.23
N2 NAG D . 3.48 -9.22 7.16
O3 NAG D . 5.47 -11.14 6.52
O4 NAG D . 5.16 -13.78 7.38
O5 NAG D . 3.02 -11.84 9.79
O6 NAG D . 4.63 -13.51 11.19
O7 NAG D . 4.24 -7.44 8.35
C1 FUC D . -0.12 -5.13 18.10
C2 FUC D . -0.44 -3.63 18.17
C3 FUC D . 0.30 -2.99 19.36
C4 FUC D . 1.80 -3.31 19.39
C5 FUC D . 2.07 -4.81 19.12
C6 FUC D . 3.55 -5.16 18.93
O2 FUC D . -1.84 -3.46 18.31
O3 FUC D . 0.06 -1.57 19.39
O4 FUC D . 2.47 -2.48 18.44
O5 FUC D . 1.31 -5.29 18.00
#